data_2K88
#
_entry.id   2K88
#
_entity_poly.entity_id   1
_entity_poly.type   'polypeptide(L)'
_entity_poly.pdbx_seq_one_letter_code
;MVSQKNGIATLLQAEKEAHEIVSKARKYRQDKLKQAKTDAAKEIDSYKIQKDKELKEFEC
;
_entity_poly.pdbx_strand_id   A
#
# COMPACT_ATOMS: atom_id res chain seq x y z
N MET A 1 14.25 -24.29 -9.85
CA MET A 1 13.65 -23.00 -9.55
C MET A 1 12.14 -23.14 -9.38
N VAL A 2 11.54 -24.08 -10.10
CA VAL A 2 10.11 -24.31 -10.02
C VAL A 2 9.81 -25.75 -9.61
N SER A 3 9.85 -26.01 -8.30
CA SER A 3 9.59 -27.34 -7.78
C SER A 3 8.21 -27.42 -7.15
N GLN A 4 7.62 -28.61 -7.14
CA GLN A 4 6.30 -28.82 -6.56
C GLN A 4 6.03 -30.31 -6.35
N LYS A 5 4.86 -30.61 -5.78
CA LYS A 5 4.48 -32.00 -5.51
C LYS A 5 2.97 -32.15 -5.55
N ASN A 6 2.51 -33.39 -5.45
CA ASN A 6 1.07 -33.68 -5.46
C ASN A 6 0.72 -34.79 -4.49
N GLY A 7 0.02 -34.43 -3.42
CA GLY A 7 -0.37 -35.41 -2.42
C GLY A 7 -1.69 -35.07 -1.76
N ILE A 8 -1.97 -35.71 -0.63
CA ILE A 8 -3.20 -35.48 0.10
C ILE A 8 -2.94 -34.77 1.42
N ALA A 9 -1.89 -33.95 1.45
CA ALA A 9 -1.53 -33.21 2.66
C ALA A 9 -0.40 -32.24 2.38
N THR A 10 0.63 -32.71 1.68
CA THR A 10 1.78 -31.88 1.34
C THR A 10 1.36 -30.64 0.56
N LEU A 11 0.28 -30.76 -0.19
CA LEU A 11 -0.24 -29.65 -0.99
C LEU A 11 -0.64 -28.48 -0.09
N LEU A 12 -1.11 -28.80 1.11
CA LEU A 12 -1.52 -27.78 2.05
C LEU A 12 -0.39 -26.78 2.32
N GLN A 13 0.84 -27.27 2.24
CA GLN A 13 2.00 -26.42 2.46
C GLN A 13 2.15 -25.39 1.35
N ALA A 14 1.99 -25.83 0.11
CA ALA A 14 2.10 -24.94 -1.04
C ALA A 14 0.96 -23.94 -1.07
N GLU A 15 -0.24 -24.39 -0.70
CA GLU A 15 -1.42 -23.54 -0.70
C GLU A 15 -1.30 -22.47 0.39
N LYS A 16 -0.89 -22.89 1.58
CA LYS A 16 -0.74 -21.97 2.70
C LYS A 16 0.36 -20.93 2.41
N GLU A 17 1.52 -21.42 1.99
CA GLU A 17 2.64 -20.55 1.69
C GLU A 17 2.29 -19.57 0.57
N ALA A 18 1.62 -20.09 -0.46
CA ALA A 18 1.21 -19.27 -1.60
C ALA A 18 0.26 -18.15 -1.16
N HIS A 19 -0.75 -18.52 -0.39
CA HIS A 19 -1.72 -17.55 0.11
C HIS A 19 -1.06 -16.53 1.02
N GLU A 20 -0.08 -16.97 1.79
CA GLU A 20 0.63 -16.10 2.72
C GLU A 20 1.42 -15.04 1.95
N ILE A 21 2.17 -15.48 0.94
CA ILE A 21 2.98 -14.57 0.14
C ILE A 21 2.09 -13.60 -0.65
N VAL A 22 1.04 -14.14 -1.26
CA VAL A 22 0.12 -13.33 -2.05
C VAL A 22 -0.62 -12.33 -1.16
N SER A 23 -0.99 -12.77 0.03
CA SER A 23 -1.71 -11.92 0.97
C SER A 23 -0.80 -10.81 1.50
N LYS A 24 0.43 -11.18 1.85
CA LYS A 24 1.39 -10.21 2.37
C LYS A 24 1.75 -9.18 1.32
N ALA A 25 2.00 -9.65 0.10
CA ALA A 25 2.35 -8.76 -1.00
C ALA A 25 1.23 -7.74 -1.26
N ARG A 26 -0.01 -8.21 -1.22
CA ARG A 26 -1.16 -7.34 -1.46
C ARG A 26 -1.30 -6.31 -0.33
N LYS A 27 -1.19 -6.79 0.91
CA LYS A 27 -1.31 -5.92 2.07
C LYS A 27 -0.23 -4.84 2.06
N TYR A 28 0.99 -5.22 1.70
CA TYR A 28 2.10 -4.29 1.64
C TYR A 28 1.92 -3.29 0.50
N ARG A 29 1.49 -3.80 -0.65
CA ARG A 29 1.28 -2.95 -1.81
C ARG A 29 0.18 -1.92 -1.55
N GLN A 30 -0.94 -2.39 -1.01
CA GLN A 30 -2.07 -1.51 -0.71
C GLN A 30 -1.71 -0.53 0.40
N ASP A 31 -1.05 -1.04 1.44
CA ASP A 31 -0.65 -0.20 2.57
C ASP A 31 0.34 0.87 2.12
N LYS A 32 1.27 0.49 1.26
CA LYS A 32 2.28 1.42 0.75
C LYS A 32 1.64 2.47 -0.17
N LEU A 33 0.77 2.01 -1.07
CA LEU A 33 0.09 2.91 -1.99
C LEU A 33 -0.80 3.89 -1.25
N LYS A 34 -1.53 3.38 -0.26
CA LYS A 34 -2.44 4.21 0.54
C LYS A 34 -1.65 5.24 1.35
N GLN A 35 -0.65 4.76 2.08
CA GLN A 35 0.18 5.64 2.91
C GLN A 35 0.87 6.69 2.04
N ALA A 36 1.42 6.26 0.91
CA ALA A 36 2.11 7.17 0.01
C ALA A 36 1.16 8.22 -0.55
N LYS A 37 -0.01 7.78 -0.99
CA LYS A 37 -1.01 8.68 -1.54
C LYS A 37 -1.28 9.85 -0.59
N THR A 38 -1.44 9.53 0.70
CA THR A 38 -1.70 10.56 1.70
C THR A 38 -0.56 11.56 1.77
N ASP A 39 0.68 11.05 1.76
CA ASP A 39 1.85 11.91 1.82
C ASP A 39 1.88 12.88 0.64
N ALA A 40 1.60 12.36 -0.55
CA ALA A 40 1.59 13.18 -1.75
C ALA A 40 0.53 14.27 -1.68
N ALA A 41 -0.68 13.87 -1.27
CA ALA A 41 -1.78 14.81 -1.16
C ALA A 41 -1.44 15.94 -0.18
N LYS A 42 -0.87 15.58 0.96
CA LYS A 42 -0.49 16.56 1.97
C LYS A 42 0.63 17.45 1.48
N GLU A 43 1.55 16.87 0.71
CA GLU A 43 2.68 17.61 0.17
C GLU A 43 2.21 18.70 -0.80
N ILE A 44 1.30 18.32 -1.69
CA ILE A 44 0.77 19.25 -2.68
C ILE A 44 -0.12 20.30 -2.01
N ASP A 45 -0.97 19.86 -1.09
CA ASP A 45 -1.86 20.76 -0.38
C ASP A 45 -1.08 21.73 0.49
N SER A 46 -0.11 21.23 1.23
CA SER A 46 0.71 22.05 2.11
C SER A 46 1.55 23.03 1.30
N TYR A 47 2.15 22.53 0.22
CA TYR A 47 2.99 23.36 -0.64
C TYR A 47 2.15 24.43 -1.35
N LYS A 48 0.91 24.06 -1.70
CA LYS A 48 0.02 24.98 -2.39
C LYS A 48 -0.42 26.10 -1.46
N ILE A 49 -0.78 25.73 -0.23
CA ILE A 49 -1.21 26.71 0.76
C ILE A 49 -0.06 27.59 1.21
N GLN A 50 1.11 26.98 1.38
CA GLN A 50 2.29 27.72 1.81
C GLN A 50 2.77 28.68 0.73
N LYS A 51 2.76 28.21 -0.51
CA LYS A 51 3.20 29.01 -1.65
C LYS A 51 2.22 30.15 -1.90
N ASP A 52 0.93 29.84 -1.86
CA ASP A 52 -0.12 30.83 -2.08
C ASP A 52 -0.11 31.88 -0.98
N LYS A 53 0.04 31.43 0.26
CA LYS A 53 0.05 32.32 1.41
C LYS A 53 1.29 33.22 1.39
N GLU A 54 2.43 32.63 1.04
CA GLU A 54 3.68 33.38 0.97
C GLU A 54 3.64 34.42 -0.14
N LEU A 55 3.07 34.03 -1.28
CA LEU A 55 2.96 34.93 -2.43
C LEU A 55 1.95 36.04 -2.16
N LYS A 56 0.85 35.67 -1.50
CA LYS A 56 -0.21 36.63 -1.18
C LYS A 56 0.33 37.74 -0.27
N GLU A 57 1.22 37.37 0.66
CA GLU A 57 1.80 38.33 1.57
C GLU A 57 0.72 38.97 2.46
N PHE A 58 1.15 39.75 3.45
CA PHE A 58 0.23 40.41 4.35
C PHE A 58 0.10 41.89 4.02
N GLU A 59 1.22 42.51 3.63
CA GLU A 59 1.22 43.93 3.27
C GLU A 59 0.33 44.19 2.07
N CYS A 60 0.25 43.21 1.17
CA CYS A 60 -0.57 43.34 -0.03
C CYS A 60 -1.56 42.18 -0.12
N MET A 1 -2.57 -19.65 -15.07
CA MET A 1 -1.30 -20.02 -14.48
C MET A 1 -1.50 -20.85 -13.21
N VAL A 2 -2.59 -20.57 -12.50
CA VAL A 2 -2.90 -21.29 -11.27
C VAL A 2 -4.27 -21.95 -11.35
N SER A 3 -4.57 -22.55 -12.50
CA SER A 3 -5.85 -23.22 -12.71
C SER A 3 -5.66 -24.72 -12.84
N GLN A 4 -4.64 -25.25 -12.17
CA GLN A 4 -4.34 -26.67 -12.21
C GLN A 4 -3.94 -27.19 -10.83
N LYS A 5 -4.67 -28.18 -10.34
CA LYS A 5 -4.37 -28.76 -9.03
C LYS A 5 -5.29 -29.95 -8.75
N ASN A 6 -4.78 -30.93 -8.01
CA ASN A 6 -5.55 -32.11 -7.66
C ASN A 6 -4.97 -32.80 -6.44
N GLY A 7 -5.24 -32.22 -5.26
CA GLY A 7 -4.75 -32.80 -4.03
C GLY A 7 -5.47 -32.26 -2.81
N ILE A 8 -5.16 -32.82 -1.64
CA ILE A 8 -5.80 -32.40 -0.40
C ILE A 8 -4.76 -31.89 0.60
N ALA A 9 -3.97 -32.81 1.14
CA ALA A 9 -2.94 -32.45 2.11
C ALA A 9 -1.84 -31.60 1.45
N THR A 10 -1.31 -32.09 0.34
CA THR A 10 -0.26 -31.38 -0.38
C THR A 10 -0.78 -30.07 -0.97
N LEU A 11 -2.05 -30.08 -1.36
CA LEU A 11 -2.67 -28.89 -1.94
C LEU A 11 -2.80 -27.78 -0.90
N LEU A 12 -3.23 -28.14 0.30
CA LEU A 12 -3.39 -27.18 1.38
C LEU A 12 -2.10 -26.40 1.61
N GLN A 13 -0.96 -27.04 1.35
CA GLN A 13 0.34 -26.41 1.53
C GLN A 13 0.54 -25.31 0.50
N ALA A 14 0.21 -25.60 -0.75
CA ALA A 14 0.36 -24.63 -1.83
C ALA A 14 -0.59 -23.46 -1.66
N GLU A 15 -1.81 -23.76 -1.19
CA GLU A 15 -2.81 -22.73 -0.98
C GLU A 15 -2.42 -21.81 0.16
N LYS A 16 -1.98 -22.40 1.27
CA LYS A 16 -1.57 -21.62 2.44
C LYS A 16 -0.36 -20.76 2.12
N GLU A 17 0.67 -21.36 1.53
CA GLU A 17 1.89 -20.64 1.17
C GLU A 17 1.57 -19.52 0.18
N ALA A 18 0.80 -19.85 -0.85
CA ALA A 18 0.43 -18.87 -1.87
C ALA A 18 -0.28 -17.67 -1.25
N HIS A 19 -1.28 -17.95 -0.41
CA HIS A 19 -2.03 -16.90 0.24
C HIS A 19 -1.15 -16.10 1.19
N GLU A 20 -0.19 -16.76 1.80
CA GLU A 20 0.73 -16.12 2.72
C GLU A 20 1.60 -15.09 2.02
N ILE A 21 2.17 -15.49 0.89
CA ILE A 21 3.01 -14.59 0.10
C ILE A 21 2.21 -13.44 -0.49
N VAL A 22 1.05 -13.77 -1.07
CA VAL A 22 0.19 -12.77 -1.67
C VAL A 22 -0.34 -11.80 -0.61
N SER A 23 -0.62 -12.32 0.58
CA SER A 23 -1.14 -11.50 1.67
C SER A 23 -0.07 -10.55 2.18
N LYS A 24 1.13 -11.07 2.39
CA LYS A 24 2.25 -10.27 2.88
C LYS A 24 2.66 -9.23 1.84
N ALA A 25 2.76 -9.66 0.59
CA ALA A 25 3.16 -8.77 -0.50
C ALA A 25 2.10 -7.69 -0.73
N ARG A 26 0.83 -8.10 -0.74
CA ARG A 26 -0.27 -7.16 -0.96
C ARG A 26 -0.37 -6.17 0.21
N LYS A 27 -0.19 -6.68 1.42
CA LYS A 27 -0.26 -5.84 2.61
C LYS A 27 0.86 -4.80 2.61
N TYR A 28 2.08 -5.25 2.34
CA TYR A 28 3.23 -4.37 2.31
C TYR A 28 3.13 -3.38 1.15
N ARG A 29 2.68 -3.87 0.00
CA ARG A 29 2.53 -3.04 -1.19
C ARG A 29 1.48 -1.96 -0.97
N GLN A 30 0.34 -2.35 -0.40
CA GLN A 30 -0.74 -1.42 -0.14
C GLN A 30 -0.35 -0.41 0.93
N ASP A 31 0.37 -0.89 1.95
CA ASP A 31 0.80 -0.03 3.05
C ASP A 31 1.80 1.02 2.55
N LYS A 32 2.72 0.59 1.70
CA LYS A 32 3.74 1.49 1.15
C LYS A 32 3.11 2.47 0.16
N LEU A 33 2.27 1.96 -0.73
CA LEU A 33 1.60 2.80 -1.72
C LEU A 33 0.65 3.78 -1.06
N LYS A 34 -0.08 3.31 -0.04
CA LYS A 34 -1.01 4.16 0.67
C LYS A 34 -0.28 5.22 1.48
N GLN A 35 0.71 4.79 2.26
CA GLN A 35 1.48 5.72 3.08
C GLN A 35 2.21 6.74 2.21
N ALA A 36 2.80 6.26 1.11
CA ALA A 36 3.52 7.14 0.20
C ALA A 36 2.57 8.11 -0.49
N LYS A 37 1.46 7.59 -1.01
CA LYS A 37 0.47 8.41 -1.71
C LYS A 37 -0.05 9.51 -0.79
N THR A 38 -0.41 9.13 0.43
CA THR A 38 -0.93 10.09 1.39
C THR A 38 0.08 11.18 1.69
N ASP A 39 1.34 10.79 1.88
CA ASP A 39 2.40 11.74 2.15
C ASP A 39 2.56 12.73 1.01
N ALA A 40 2.55 12.22 -0.21
CA ALA A 40 2.70 13.07 -1.39
C ALA A 40 1.56 14.07 -1.49
N ALA A 41 0.33 13.60 -1.29
CA ALA A 41 -0.83 14.46 -1.35
C ALA A 41 -0.78 15.55 -0.28
N LYS A 42 -0.33 15.16 0.91
CA LYS A 42 -0.22 16.10 2.02
C LYS A 42 0.84 17.15 1.76
N GLU A 43 1.94 16.73 1.14
CA GLU A 43 3.04 17.63 0.82
C GLU A 43 2.61 18.66 -0.22
N ILE A 44 1.96 18.20 -1.28
CA ILE A 44 1.50 19.07 -2.35
C ILE A 44 0.35 19.96 -1.86
N ASP A 45 -0.47 19.43 -0.97
CA ASP A 45 -1.60 20.17 -0.42
C ASP A 45 -1.12 21.33 0.45
N SER A 46 -0.17 21.04 1.34
CA SER A 46 0.36 22.05 2.24
C SER A 46 1.19 23.08 1.46
N TYR A 47 2.00 22.60 0.54
CA TYR A 47 2.84 23.48 -0.27
C TYR A 47 1.99 24.36 -1.18
N LYS A 48 0.90 23.80 -1.70
CA LYS A 48 0.01 24.53 -2.58
C LYS A 48 -0.76 25.59 -1.81
N ILE A 49 -1.26 25.22 -0.64
CA ILE A 49 -2.03 26.15 0.20
C ILE A 49 -1.11 27.21 0.80
N GLN A 50 0.08 26.81 1.22
CA GLN A 50 1.05 27.72 1.80
C GLN A 50 1.56 28.71 0.76
N LYS A 51 1.89 28.20 -0.42
CA LYS A 51 2.38 29.04 -1.51
C LYS A 51 1.31 29.99 -2.01
N ASP A 52 0.10 29.46 -2.20
CA ASP A 52 -1.02 30.26 -2.67
C ASP A 52 -1.37 31.36 -1.67
N LYS A 53 -1.39 31.00 -0.39
CA LYS A 53 -1.71 31.96 0.67
C LYS A 53 -0.61 33.01 0.80
N GLU A 54 0.64 32.57 0.67
CA GLU A 54 1.78 33.46 0.78
C GLU A 54 1.81 34.45 -0.39
N LEU A 55 1.50 33.95 -1.58
CA LEU A 55 1.49 34.79 -2.78
C LEU A 55 0.32 35.76 -2.75
N LYS A 56 -0.83 35.29 -2.28
CA LYS A 56 -2.02 36.12 -2.20
C LYS A 56 -1.78 37.36 -1.34
N GLU A 57 -0.92 37.20 -0.34
CA GLU A 57 -0.60 38.31 0.56
C GLU A 57 -1.83 38.78 1.31
N PHE A 58 -1.62 39.63 2.32
CA PHE A 58 -2.71 40.16 3.12
C PHE A 58 -2.35 41.51 3.72
N GLU A 59 -1.21 41.57 4.40
CA GLU A 59 -0.75 42.81 5.02
C GLU A 59 -0.47 43.87 3.96
N CYS A 60 -0.08 43.43 2.77
CA CYS A 60 0.22 44.34 1.68
C CYS A 60 -1.04 44.67 0.88
N MET A 1 7.64 -25.69 11.56
CA MET A 1 9.06 -25.94 11.34
C MET A 1 9.30 -27.40 10.98
N VAL A 2 8.51 -27.92 10.05
CA VAL A 2 8.64 -29.31 9.63
C VAL A 2 8.34 -29.46 8.14
N SER A 3 8.90 -28.55 7.34
CA SER A 3 8.69 -28.58 5.90
C SER A 3 9.15 -29.91 5.31
N GLN A 4 8.19 -30.78 5.03
CA GLN A 4 8.49 -32.09 4.46
C GLN A 4 7.66 -32.34 3.21
N LYS A 5 8.33 -32.76 2.14
CA LYS A 5 7.66 -33.04 0.87
C LYS A 5 7.76 -34.52 0.52
N ASN A 6 6.68 -35.25 0.76
CA ASN A 6 6.64 -36.68 0.47
C ASN A 6 5.25 -37.25 0.72
N GLY A 7 4.23 -36.53 0.28
CA GLY A 7 2.86 -36.97 0.47
C GLY A 7 1.85 -36.01 -0.11
N ILE A 8 0.76 -35.79 0.62
CA ILE A 8 -0.29 -34.88 0.18
C ILE A 8 -0.09 -33.49 0.75
N ALA A 9 0.58 -33.41 1.90
CA ALA A 9 0.85 -32.14 2.55
C ALA A 9 1.56 -31.18 1.60
N THR A 10 2.29 -31.74 0.63
CA THR A 10 3.03 -30.94 -0.33
C THR A 10 2.12 -29.92 -1.01
N LEU A 11 0.90 -30.34 -1.33
CA LEU A 11 -0.06 -29.47 -1.99
C LEU A 11 -0.52 -28.36 -1.05
N LEU A 12 -0.83 -28.73 0.19
CA LEU A 12 -1.28 -27.77 1.19
C LEU A 12 -0.18 -26.78 1.52
N GLN A 13 1.07 -27.23 1.44
CA GLN A 13 2.22 -26.39 1.72
C GLN A 13 2.39 -25.32 0.65
N ALA A 14 2.28 -25.73 -0.61
CA ALA A 14 2.42 -24.81 -1.73
C ALA A 14 1.27 -23.81 -1.77
N GLU A 15 0.05 -24.31 -1.54
CA GLU A 15 -1.13 -23.47 -1.55
C GLU A 15 -1.10 -22.46 -0.42
N LYS A 16 -0.75 -22.93 0.77
CA LYS A 16 -0.68 -22.07 1.95
C LYS A 16 0.40 -21.01 1.77
N GLU A 17 1.59 -21.42 1.38
CA GLU A 17 2.70 -20.51 1.18
C GLU A 17 2.35 -19.45 0.14
N ALA A 18 1.78 -19.89 -0.98
CA ALA A 18 1.40 -18.99 -2.05
C ALA A 18 0.40 -17.95 -1.56
N HIS A 19 -0.64 -18.42 -0.87
CA HIS A 19 -1.67 -17.54 -0.35
C HIS A 19 -1.09 -16.54 0.64
N GLU A 20 -0.12 -16.99 1.42
CA GLU A 20 0.54 -16.13 2.41
C GLU A 20 1.37 -15.05 1.73
N ILE A 21 2.04 -15.42 0.64
CA ILE A 21 2.87 -14.48 -0.10
C ILE A 21 2.02 -13.40 -0.77
N VAL A 22 0.94 -13.84 -1.41
CA VAL A 22 0.04 -12.91 -2.09
C VAL A 22 -0.72 -12.05 -1.09
N SER A 23 -1.05 -12.64 0.05
CA SER A 23 -1.79 -11.93 1.10
C SER A 23 -0.92 -10.84 1.73
N LYS A 24 0.33 -11.20 2.05
CA LYS A 24 1.25 -10.25 2.65
C LYS A 24 1.64 -9.16 1.68
N ALA A 25 1.96 -9.55 0.44
CA ALA A 25 2.33 -8.59 -0.59
C ALA A 25 1.24 -7.55 -0.80
N ARG A 26 0.00 -8.00 -0.86
CA ARG A 26 -1.13 -7.11 -1.07
C ARG A 26 -1.35 -6.22 0.16
N LYS A 27 -1.32 -6.83 1.33
CA LYS A 27 -1.51 -6.09 2.58
C LYS A 27 -0.50 -4.95 2.70
N TYR A 28 0.78 -5.27 2.48
CA TYR A 28 1.83 -4.28 2.56
C TYR A 28 1.70 -3.25 1.44
N ARG A 29 1.38 -3.72 0.24
CA ARG A 29 1.22 -2.86 -0.91
C ARG A 29 0.11 -1.84 -0.68
N GLN A 30 -1.01 -2.31 -0.14
CA GLN A 30 -2.16 -1.45 0.14
C GLN A 30 -1.86 -0.48 1.27
N ASP A 31 -1.23 -1.00 2.33
CA ASP A 31 -0.88 -0.18 3.49
C ASP A 31 0.13 0.90 3.11
N LYS A 32 1.10 0.52 2.28
CA LYS A 32 2.14 1.44 1.85
C LYS A 32 1.55 2.49 0.90
N LEU A 33 0.78 2.04 -0.07
CA LEU A 33 0.16 2.94 -1.04
C LEU A 33 -0.84 3.87 -0.36
N LYS A 34 -1.59 3.33 0.60
CA LYS A 34 -2.57 4.11 1.33
C LYS A 34 -1.91 5.17 2.19
N GLN A 35 -0.90 4.76 2.95
CA GLN A 35 -0.17 5.68 3.83
C GLN A 35 0.58 6.73 3.00
N ALA A 36 1.24 6.28 1.95
CA ALA A 36 1.99 7.17 1.08
C ALA A 36 1.07 8.15 0.37
N LYS A 37 -0.07 7.67 -0.09
CA LYS A 37 -1.04 8.50 -0.78
C LYS A 37 -1.37 9.74 0.04
N THR A 38 -1.66 9.54 1.31
CA THR A 38 -1.99 10.65 2.21
C THR A 38 -0.85 11.65 2.29
N ASP A 39 0.37 11.14 2.42
CA ASP A 39 1.55 12.00 2.50
C ASP A 39 1.66 12.89 1.27
N ALA A 40 1.47 12.29 0.10
CA ALA A 40 1.56 13.03 -1.16
C ALA A 40 0.48 14.10 -1.24
N ALA A 41 -0.75 13.73 -0.90
CA ALA A 41 -1.87 14.66 -0.93
C ALA A 41 -1.60 15.88 -0.04
N LYS A 42 -1.11 15.62 1.16
CA LYS A 42 -0.81 16.69 2.11
C LYS A 42 0.38 17.53 1.62
N GLU A 43 1.33 16.86 0.99
CA GLU A 43 2.51 17.55 0.47
C GLU A 43 2.13 18.57 -0.59
N ILE A 44 1.27 18.16 -1.52
CA ILE A 44 0.83 19.04 -2.59
C ILE A 44 -0.08 20.14 -2.06
N ASP A 45 -1.01 19.76 -1.20
CA ASP A 45 -1.94 20.72 -0.61
C ASP A 45 -1.20 21.76 0.21
N SER A 46 -0.28 21.30 1.06
CA SER A 46 0.50 22.19 1.91
C SER A 46 1.40 23.09 1.06
N TYR A 47 2.07 22.49 0.10
CA TYR A 47 2.98 23.24 -0.78
C TYR A 47 2.21 24.28 -1.59
N LYS A 48 0.99 23.92 -1.99
CA LYS A 48 0.15 24.82 -2.77
C LYS A 48 -0.33 26.00 -1.93
N ILE A 49 -0.76 25.70 -0.71
CA ILE A 49 -1.25 26.74 0.20
C ILE A 49 -0.10 27.62 0.69
N GLN A 50 1.04 26.99 0.97
CA GLN A 50 2.21 27.72 1.45
C GLN A 50 2.79 28.60 0.35
N LYS A 51 2.88 28.04 -0.86
CA LYS A 51 3.42 28.76 -2.00
C LYS A 51 2.50 29.91 -2.40
N ASP A 52 1.20 29.63 -2.46
CA ASP A 52 0.23 30.64 -2.83
C ASP A 52 0.18 31.76 -1.79
N LYS A 53 0.21 31.37 -0.52
CA LYS A 53 0.17 32.34 0.57
C LYS A 53 1.43 33.20 0.59
N GLU A 54 2.57 32.56 0.31
CA GLU A 54 3.85 33.27 0.28
C GLU A 54 3.92 34.24 -0.88
N LEU A 55 3.42 33.81 -2.04
CA LEU A 55 3.42 34.64 -3.23
C LEU A 55 2.40 35.76 -3.12
N LYS A 56 1.30 35.48 -2.42
CA LYS A 56 0.24 36.46 -2.24
C LYS A 56 0.78 37.73 -1.58
N GLU A 57 1.77 37.56 -0.72
CA GLU A 57 2.38 38.69 -0.02
C GLU A 57 3.56 38.23 0.84
N PHE A 58 4.69 38.91 0.68
CA PHE A 58 5.89 38.57 1.44
C PHE A 58 6.26 39.70 2.40
N GLU A 59 6.15 40.94 1.92
CA GLU A 59 6.47 42.10 2.73
C GLU A 59 5.20 42.86 3.12
N CYS A 60 4.26 42.92 2.20
CA CYS A 60 2.99 43.63 2.44
C CYS A 60 1.95 42.67 3.01
N MET A 1 -14.18 -27.58 -12.11
CA MET A 1 -14.65 -28.06 -13.40
C MET A 1 -13.48 -28.25 -14.36
N VAL A 2 -12.61 -29.20 -14.05
CA VAL A 2 -11.45 -29.48 -14.89
C VAL A 2 -10.65 -30.66 -14.34
N SER A 3 -10.58 -30.76 -13.02
CA SER A 3 -9.84 -31.84 -12.38
C SER A 3 -10.13 -31.87 -10.88
N GLN A 4 -10.68 -32.98 -10.41
CA GLN A 4 -11.01 -33.15 -9.00
C GLN A 4 -10.15 -34.24 -8.36
N LYS A 5 -9.93 -35.32 -9.11
CA LYS A 5 -9.13 -36.43 -8.61
C LYS A 5 -7.64 -36.10 -8.68
N ASN A 6 -7.10 -35.62 -7.57
CA ASN A 6 -5.68 -35.27 -7.50
C ASN A 6 -5.26 -35.00 -6.07
N GLY A 7 -3.94 -35.02 -5.83
CA GLY A 7 -3.43 -34.77 -4.50
C GLY A 7 -3.93 -33.46 -3.91
N ILE A 8 -4.59 -33.53 -2.77
CA ILE A 8 -5.11 -32.34 -2.10
C ILE A 8 -4.27 -31.97 -0.89
N ALA A 9 -3.81 -32.98 -0.17
CA ALA A 9 -2.99 -32.75 1.02
C ALA A 9 -1.76 -31.92 0.68
N THR A 10 -0.92 -32.44 -0.20
CA THR A 10 0.29 -31.75 -0.61
C THR A 10 -0.02 -30.41 -1.25
N LEU A 11 -1.17 -30.34 -1.92
CA LEU A 11 -1.59 -29.10 -2.58
C LEU A 11 -1.87 -28.01 -1.55
N LEU A 12 -2.33 -28.42 -0.37
CA LEU A 12 -2.63 -27.47 0.69
C LEU A 12 -1.40 -26.63 1.04
N GLN A 13 -0.23 -27.21 0.88
CA GLN A 13 1.02 -26.51 1.17
C GLN A 13 1.27 -25.40 0.16
N ALA A 14 1.06 -25.70 -1.11
CA ALA A 14 1.26 -24.73 -2.18
C ALA A 14 0.26 -23.59 -2.08
N GLU A 15 -1.00 -23.94 -1.79
CA GLU A 15 -2.06 -22.94 -1.67
C GLU A 15 -1.82 -22.04 -0.46
N LYS A 16 -1.48 -22.66 0.66
CA LYS A 16 -1.23 -21.91 1.89
C LYS A 16 -0.06 -20.95 1.71
N GLU A 17 1.06 -21.47 1.20
CA GLU A 17 2.24 -20.65 0.98
C GLU A 17 1.95 -19.51 0.00
N ALA A 18 1.25 -19.83 -1.08
CA ALA A 18 0.90 -18.83 -2.08
C ALA A 18 0.09 -17.69 -1.47
N HIS A 19 -0.93 -18.05 -0.69
CA HIS A 19 -1.77 -17.06 -0.04
C HIS A 19 -0.99 -16.26 0.99
N GLU A 20 -0.04 -16.92 1.65
CA GLU A 20 0.78 -16.27 2.67
C GLU A 20 1.63 -15.17 2.05
N ILE A 21 2.29 -15.49 0.94
CA ILE A 21 3.14 -14.53 0.25
C ILE A 21 2.32 -13.40 -0.35
N VAL A 22 1.23 -13.76 -1.02
CA VAL A 22 0.35 -12.78 -1.65
C VAL A 22 -0.30 -11.88 -0.60
N SER A 23 -0.64 -12.46 0.55
CA SER A 23 -1.27 -11.71 1.62
C SER A 23 -0.28 -10.73 2.26
N LYS A 24 0.93 -11.21 2.52
CA LYS A 24 1.97 -10.38 3.13
C LYS A 24 2.39 -9.28 2.18
N ALA A 25 2.65 -9.64 0.92
CA ALA A 25 3.06 -8.66 -0.09
C ALA A 25 1.96 -7.63 -0.33
N ARG A 26 0.72 -8.09 -0.42
CA ARG A 26 -0.41 -7.21 -0.66
C ARG A 26 -0.62 -6.27 0.53
N LYS A 27 -0.44 -6.80 1.74
CA LYS A 27 -0.61 -6.01 2.95
C LYS A 27 0.44 -4.90 3.04
N TYR A 28 1.70 -5.27 2.84
CA TYR A 28 2.79 -4.31 2.89
C TYR A 28 2.70 -3.33 1.71
N ARG A 29 2.42 -3.86 0.53
CA ARG A 29 2.31 -3.03 -0.67
C ARG A 29 1.15 -2.04 -0.55
N GLN A 30 -0.01 -2.55 -0.14
CA GLN A 30 -1.19 -1.71 0.01
C GLN A 30 -0.99 -0.67 1.11
N ASP A 31 -0.35 -1.08 2.20
CA ASP A 31 -0.09 -0.19 3.32
C ASP A 31 0.93 0.87 2.93
N LYS A 32 1.87 0.49 2.06
CA LYS A 32 2.91 1.41 1.61
C LYS A 32 2.33 2.49 0.70
N LEU A 33 1.54 2.06 -0.28
CA LEU A 33 0.92 2.99 -1.23
C LEU A 33 -0.15 3.83 -0.53
N LYS A 34 -0.82 3.23 0.45
CA LYS A 34 -1.86 3.92 1.19
C LYS A 34 -1.28 5.01 2.08
N GLN A 35 -0.28 4.64 2.88
CA GLN A 35 0.37 5.58 3.78
C GLN A 35 1.11 6.66 3.00
N ALA A 36 1.79 6.25 1.94
CA ALA A 36 2.54 7.18 1.10
C ALA A 36 1.60 8.13 0.35
N LYS A 37 0.50 7.58 -0.15
CA LYS A 37 -0.47 8.38 -0.89
C LYS A 37 -0.89 9.61 -0.08
N THR A 38 -1.22 9.38 1.19
CA THR A 38 -1.65 10.47 2.08
C THR A 38 -0.55 11.53 2.20
N ASP A 39 0.69 11.08 2.38
CA ASP A 39 1.82 11.98 2.52
C ASP A 39 1.95 12.88 1.29
N ALA A 40 1.83 12.27 0.11
CA ALA A 40 1.93 13.02 -1.14
C ALA A 40 0.81 14.05 -1.26
N ALA A 41 -0.41 13.63 -0.98
CA ALA A 41 -1.57 14.50 -1.05
C ALA A 41 -1.38 15.73 -0.15
N LYS A 42 -0.94 15.49 1.08
CA LYS A 42 -0.72 16.57 2.03
C LYS A 42 0.44 17.45 1.60
N GLU A 43 1.46 16.84 1.00
CA GLU A 43 2.63 17.57 0.53
C GLU A 43 2.25 18.58 -0.54
N ILE A 44 1.44 18.13 -1.50
CA ILE A 44 1.00 19.00 -2.58
C ILE A 44 0.03 20.06 -2.09
N ASP A 45 -0.92 19.64 -1.27
CA ASP A 45 -1.92 20.55 -0.72
C ASP A 45 -1.25 21.62 0.15
N SER A 46 -0.35 21.19 1.02
CA SER A 46 0.35 22.11 1.90
C SER A 46 1.25 23.06 1.11
N TYR A 47 2.00 22.50 0.17
CA TYR A 47 2.90 23.28 -0.66
C TYR A 47 2.11 24.27 -1.52
N LYS A 48 0.96 23.84 -2.01
CA LYS A 48 0.12 24.68 -2.84
C LYS A 48 -0.45 25.85 -2.04
N ILE A 49 -0.94 25.55 -0.84
CA ILE A 49 -1.51 26.57 0.03
C ILE A 49 -0.43 27.51 0.57
N GLN A 50 0.75 26.96 0.81
CA GLN A 50 1.86 27.76 1.32
C GLN A 50 2.37 28.73 0.26
N LYS A 51 2.52 28.24 -0.97
CA LYS A 51 2.99 29.07 -2.07
C LYS A 51 1.94 30.10 -2.47
N ASP A 52 0.69 29.66 -2.52
CA ASP A 52 -0.41 30.55 -2.90
C ASP A 52 -0.59 31.65 -1.85
N LYS A 53 -0.50 31.27 -0.58
CA LYS A 53 -0.65 32.22 0.51
C LYS A 53 0.52 33.19 0.56
N GLU A 54 1.73 32.66 0.36
CA GLU A 54 2.93 33.47 0.38
C GLU A 54 2.94 34.46 -0.80
N LEU A 55 2.55 33.98 -1.97
CA LEU A 55 2.52 34.82 -3.16
C LEU A 55 1.37 35.81 -3.09
N LYS A 56 0.21 35.34 -2.62
CA LYS A 56 -0.97 36.19 -2.50
C LYS A 56 -0.67 37.42 -1.66
N GLU A 57 0.18 37.26 -0.66
CA GLU A 57 0.56 38.36 0.22
C GLU A 57 -0.68 38.93 0.93
N PHE A 58 -0.46 39.99 1.70
CA PHE A 58 -1.55 40.63 2.43
C PHE A 58 -1.68 42.09 2.04
N GLU A 59 -1.36 42.40 0.79
CA GLU A 59 -1.43 43.76 0.29
C GLU A 59 -1.02 43.84 -1.18
N CYS A 60 -0.02 43.04 -1.54
CA CYS A 60 0.48 43.01 -2.92
C CYS A 60 0.90 44.40 -3.37
N MET A 1 4.82 -52.93 -0.37
CA MET A 1 3.94 -53.04 0.79
C MET A 1 4.75 -53.17 2.07
N VAL A 2 5.89 -52.48 2.13
CA VAL A 2 6.75 -52.52 3.31
C VAL A 2 6.82 -51.16 3.97
N SER A 3 6.60 -50.10 3.20
CA SER A 3 6.65 -48.74 3.70
C SER A 3 6.10 -47.75 2.68
N GLN A 4 4.83 -47.41 2.81
CA GLN A 4 4.20 -46.47 1.89
C GLN A 4 4.02 -45.11 2.53
N LYS A 5 3.83 -44.08 1.71
CA LYS A 5 3.65 -42.73 2.20
C LYS A 5 2.69 -41.95 1.32
N ASN A 6 1.77 -41.22 1.95
CA ASN A 6 0.79 -40.43 1.24
C ASN A 6 -0.07 -39.61 2.20
N GLY A 7 0.31 -38.37 2.41
CA GLY A 7 -0.44 -37.50 3.31
C GLY A 7 -1.19 -36.41 2.57
N ILE A 8 -2.23 -35.87 3.21
CA ILE A 8 -3.02 -34.81 2.61
C ILE A 8 -2.78 -33.47 3.30
N ALA A 9 -2.36 -33.54 4.55
CA ALA A 9 -2.08 -32.32 5.33
C ALA A 9 -0.99 -31.49 4.66
N THR A 10 -0.13 -32.16 3.89
CA THR A 10 0.96 -31.47 3.21
C THR A 10 0.43 -30.34 2.34
N LEU A 11 -0.76 -30.52 1.79
CA LEU A 11 -1.37 -29.51 0.94
C LEU A 11 -1.58 -28.20 1.70
N LEU A 12 -1.90 -28.33 2.98
CA LEU A 12 -2.13 -27.15 3.83
C LEU A 12 -0.92 -26.22 3.79
N GLN A 13 0.26 -26.79 3.61
CA GLN A 13 1.49 -26.01 3.56
C GLN A 13 1.56 -25.19 2.27
N ALA A 14 1.19 -25.81 1.17
CA ALA A 14 1.20 -25.13 -0.13
C ALA A 14 0.16 -24.03 -0.18
N GLU A 15 -1.03 -24.32 0.33
CA GLU A 15 -2.12 -23.35 0.35
C GLU A 15 -1.79 -22.18 1.27
N LYS A 16 -1.30 -22.48 2.45
CA LYS A 16 -0.95 -21.46 3.43
C LYS A 16 0.15 -20.55 2.90
N GLU A 17 1.22 -21.16 2.40
CA GLU A 17 2.35 -20.41 1.85
C GLU A 17 1.90 -19.54 0.66
N ALA A 18 1.11 -20.13 -0.22
CA ALA A 18 0.61 -19.43 -1.39
C ALA A 18 -0.18 -18.19 -0.99
N HIS A 19 -1.11 -18.35 -0.05
CA HIS A 19 -1.93 -17.25 0.43
C HIS A 19 -1.08 -16.21 1.15
N GLU A 20 -0.04 -16.68 1.84
CA GLU A 20 0.85 -15.80 2.57
C GLU A 20 1.59 -14.86 1.63
N ILE A 21 2.15 -15.42 0.57
CA ILE A 21 2.89 -14.63 -0.42
C ILE A 21 1.96 -13.70 -1.18
N VAL A 22 0.83 -14.24 -1.63
CA VAL A 22 -0.15 -13.46 -2.37
C VAL A 22 -0.71 -12.33 -1.52
N SER A 23 -1.04 -12.64 -0.27
CA SER A 23 -1.60 -11.65 0.65
C SER A 23 -0.55 -10.63 1.03
N LYS A 24 0.66 -11.11 1.34
CA LYS A 24 1.76 -10.23 1.73
C LYS A 24 2.07 -9.22 0.62
N ALA A 25 2.16 -9.72 -0.61
CA ALA A 25 2.45 -8.87 -1.75
C ALA A 25 1.41 -7.77 -1.90
N ARG A 26 0.14 -8.14 -1.78
CA ARG A 26 -0.95 -7.18 -1.90
C ARG A 26 -0.92 -6.17 -0.76
N LYS A 27 -0.56 -6.64 0.44
CA LYS A 27 -0.48 -5.77 1.60
C LYS A 27 0.61 -4.72 1.44
N TYR A 28 1.75 -5.15 0.91
CA TYR A 28 2.88 -4.25 0.69
C TYR A 28 2.57 -3.26 -0.42
N ARG A 29 2.00 -3.76 -1.51
CA ARG A 29 1.66 -2.91 -2.64
C ARG A 29 0.57 -1.90 -2.27
N GLN A 30 -0.46 -2.38 -1.58
CA GLN A 30 -1.56 -1.53 -1.17
C GLN A 30 -1.09 -0.48 -0.16
N ASP A 31 -0.30 -0.92 0.81
CA ASP A 31 0.22 -0.02 1.83
C ASP A 31 1.23 0.95 1.25
N LYS A 32 1.95 0.50 0.23
CA LYS A 32 2.96 1.34 -0.44
C LYS A 32 2.29 2.44 -1.25
N LEU A 33 1.30 2.07 -2.06
CA LEU A 33 0.59 3.02 -2.89
C LEU A 33 -0.29 3.93 -2.04
N LYS A 34 -0.79 3.39 -0.93
CA LYS A 34 -1.65 4.16 -0.03
C LYS A 34 -0.83 5.20 0.74
N GLN A 35 0.32 4.78 1.25
CA GLN A 35 1.19 5.67 1.99
C GLN A 35 1.81 6.73 1.08
N ALA A 36 2.23 6.30 -0.10
CA ALA A 36 2.83 7.21 -1.07
C ALA A 36 1.82 8.22 -1.59
N LYS A 37 0.65 7.73 -1.97
CA LYS A 37 -0.41 8.59 -2.49
C LYS A 37 -0.77 9.67 -1.48
N THR A 38 -0.96 9.28 -0.23
CA THR A 38 -1.31 10.21 0.83
C THR A 38 -0.22 11.26 1.02
N ASP A 39 1.04 10.80 1.03
CA ASP A 39 2.17 11.70 1.19
C ASP A 39 2.20 12.76 0.10
N ALA A 40 1.98 12.33 -1.14
CA ALA A 40 1.97 13.23 -2.28
C ALA A 40 0.85 14.25 -2.16
N ALA A 41 -0.34 13.77 -1.84
CA ALA A 41 -1.51 14.64 -1.71
C ALA A 41 -1.26 15.72 -0.67
N LYS A 42 -0.71 15.32 0.48
CA LYS A 42 -0.43 16.26 1.56
C LYS A 42 0.69 17.22 1.16
N GLU A 43 1.65 16.71 0.40
CA GLU A 43 2.78 17.52 -0.04
C GLU A 43 2.31 18.67 -0.94
N ILE A 44 1.43 18.35 -1.89
CA ILE A 44 0.91 19.34 -2.81
C ILE A 44 -0.03 20.31 -2.08
N ASP A 45 -0.92 19.77 -1.26
CA ASP A 45 -1.87 20.58 -0.51
C ASP A 45 -1.14 21.52 0.45
N SER A 46 -0.13 20.99 1.13
CA SER A 46 0.65 21.78 2.08
C SER A 46 1.44 22.87 1.36
N TYR A 47 2.12 22.48 0.28
CA TYR A 47 2.92 23.42 -0.49
C TYR A 47 2.04 24.49 -1.13
N LYS A 48 0.84 24.11 -1.54
CA LYS A 48 -0.09 25.04 -2.15
C LYS A 48 -0.62 26.03 -1.13
N ILE A 49 -0.99 25.52 0.05
CA ILE A 49 -1.51 26.38 1.11
C ILE A 49 -0.42 27.27 1.69
N GLN A 50 0.76 26.69 1.89
CA GLN A 50 1.89 27.44 2.44
C GLN A 50 2.35 28.53 1.48
N LYS A 51 2.44 28.18 0.20
CA LYS A 51 2.86 29.14 -0.82
C LYS A 51 1.79 30.21 -1.03
N ASP A 52 0.55 29.78 -1.18
CA ASP A 52 -0.56 30.70 -1.39
C ASP A 52 -0.71 31.66 -0.20
N LYS A 53 -0.58 31.12 1.00
CA LYS A 53 -0.70 31.91 2.22
C LYS A 53 0.49 32.86 2.36
N GLU A 54 1.68 32.35 2.05
CA GLU A 54 2.90 33.15 2.15
C GLU A 54 2.86 34.31 1.17
N LEU A 55 2.41 34.04 -0.05
CA LEU A 55 2.33 35.08 -1.09
C LEU A 55 1.21 36.07 -0.76
N LYS A 56 0.07 35.56 -0.32
CA LYS A 56 -1.07 36.40 0.03
C LYS A 56 -0.75 37.26 1.24
N GLU A 57 0.03 36.72 2.17
CA GLU A 57 0.40 37.44 3.37
C GLU A 57 1.92 37.59 3.47
N PHE A 58 2.46 38.55 2.74
CA PHE A 58 3.90 38.80 2.73
C PHE A 58 4.37 39.27 4.11
N GLU A 59 3.47 39.90 4.85
CA GLU A 59 3.79 40.40 6.18
C GLU A 59 2.53 40.84 6.93
N CYS A 60 1.57 39.93 7.03
CA CYS A 60 0.31 40.21 7.71
C CYS A 60 0.57 40.67 9.14
N MET A 1 2.90 -33.08 -10.03
CA MET A 1 2.45 -32.32 -8.87
C MET A 1 0.94 -32.10 -8.94
N VAL A 2 0.18 -33.18 -8.95
CA VAL A 2 -1.28 -33.11 -9.00
C VAL A 2 -1.91 -33.86 -7.84
N SER A 3 -2.32 -33.12 -6.81
CA SER A 3 -2.95 -33.73 -5.64
C SER A 3 -4.33 -33.14 -5.40
N GLN A 4 -5.35 -34.00 -5.49
CA GLN A 4 -6.74 -33.56 -5.29
C GLN A 4 -7.50 -34.57 -4.44
N LYS A 5 -6.77 -35.31 -3.61
CA LYS A 5 -7.38 -36.30 -2.74
C LYS A 5 -7.42 -35.82 -1.29
N ASN A 6 -7.78 -36.72 -0.38
CA ASN A 6 -7.85 -36.38 1.03
C ASN A 6 -6.52 -35.86 1.54
N GLY A 7 -5.43 -36.43 1.03
CA GLY A 7 -4.10 -36.01 1.44
C GLY A 7 -3.88 -34.52 1.25
N ILE A 8 -3.94 -33.78 2.35
CA ILE A 8 -3.74 -32.34 2.31
C ILE A 8 -2.54 -31.92 3.15
N ALA A 9 -1.44 -32.66 3.02
CA ALA A 9 -0.22 -32.37 3.77
C ALA A 9 0.74 -31.52 2.95
N THR A 10 1.20 -32.09 1.83
CA THR A 10 2.12 -31.39 0.96
C THR A 10 1.44 -30.21 0.26
N LEU A 11 0.22 -30.43 -0.19
CA LEU A 11 -0.54 -29.38 -0.87
C LEU A 11 -0.76 -28.18 0.05
N LEU A 12 -1.00 -28.46 1.32
CA LEU A 12 -1.22 -27.40 2.30
C LEU A 12 -0.03 -26.44 2.35
N GLN A 13 1.15 -26.96 2.08
CA GLN A 13 2.37 -26.16 2.08
C GLN A 13 2.34 -25.13 0.95
N ALA A 14 1.96 -25.58 -0.24
CA ALA A 14 1.90 -24.71 -1.40
C ALA A 14 0.78 -23.67 -1.26
N GLU A 15 -0.36 -24.12 -0.75
CA GLU A 15 -1.49 -23.22 -0.55
C GLU A 15 -1.21 -22.19 0.53
N LYS A 16 -0.64 -22.66 1.64
CA LYS A 16 -0.30 -21.78 2.76
C LYS A 16 0.75 -20.74 2.34
N GLU A 17 1.82 -21.21 1.72
CA GLU A 17 2.89 -20.32 1.27
C GLU A 17 2.37 -19.33 0.24
N ALA A 18 1.56 -19.82 -0.70
CA ALA A 18 1.00 -18.98 -1.74
C ALA A 18 0.14 -17.87 -1.15
N HIS A 19 -0.75 -18.24 -0.24
CA HIS A 19 -1.64 -17.28 0.40
C HIS A 19 -0.84 -16.29 1.24
N GLU A 20 0.23 -16.76 1.87
CA GLU A 20 1.08 -15.93 2.70
C GLU A 20 1.75 -14.84 1.87
N ILE A 21 2.33 -15.25 0.75
CA ILE A 21 3.01 -14.31 -0.14
C ILE A 21 2.03 -13.32 -0.76
N VAL A 22 0.89 -13.83 -1.21
CA VAL A 22 -0.14 -13.00 -1.82
C VAL A 22 -0.73 -12.02 -0.80
N SER A 23 -0.97 -12.52 0.41
CA SER A 23 -1.54 -11.70 1.47
C SER A 23 -0.55 -10.62 1.91
N LYS A 24 0.70 -11.01 2.10
CA LYS A 24 1.74 -10.09 2.51
C LYS A 24 2.01 -9.04 1.43
N ALA A 25 2.13 -9.50 0.19
CA ALA A 25 2.39 -8.60 -0.93
C ALA A 25 1.23 -7.62 -1.12
N ARG A 26 0.00 -8.12 -1.00
CA ARG A 26 -1.18 -7.29 -1.16
C ARG A 26 -1.30 -6.30 -0.02
N LYS A 27 -1.03 -6.76 1.20
CA LYS A 27 -1.11 -5.91 2.38
C LYS A 27 -0.08 -4.78 2.31
N TYR A 28 1.14 -5.13 1.94
CA TYR A 28 2.22 -4.15 1.83
C TYR A 28 1.97 -3.19 0.67
N ARG A 29 1.48 -3.73 -0.45
CA ARG A 29 1.19 -2.93 -1.63
C ARG A 29 0.06 -1.95 -1.36
N GLN A 30 -1.00 -2.44 -0.71
CA GLN A 30 -2.15 -1.61 -0.40
C GLN A 30 -1.80 -0.54 0.64
N ASP A 31 -1.07 -0.96 1.67
CA ASP A 31 -0.67 -0.04 2.72
C ASP A 31 0.32 1.00 2.19
N LYS A 32 1.23 0.57 1.33
CA LYS A 32 2.22 1.46 0.74
C LYS A 32 1.55 2.47 -0.18
N LEU A 33 0.68 1.99 -1.05
CA LEU A 33 -0.03 2.85 -1.99
C LEU A 33 -0.99 3.78 -1.26
N LYS A 34 -1.66 3.26 -0.23
CA LYS A 34 -2.60 4.04 0.55
C LYS A 34 -1.89 5.17 1.28
N GLN A 35 -0.82 4.82 1.99
CA GLN A 35 -0.04 5.81 2.75
C GLN A 35 0.66 6.78 1.80
N ALA A 36 1.16 6.25 0.69
CA ALA A 36 1.86 7.07 -0.30
C ALA A 36 0.92 8.11 -0.91
N LYS A 37 -0.27 7.67 -1.30
CA LYS A 37 -1.26 8.57 -1.90
C LYS A 37 -1.58 9.73 -0.96
N THR A 38 -1.84 9.41 0.31
CA THR A 38 -2.17 10.42 1.30
C THR A 38 -1.03 11.42 1.46
N ASP A 39 0.20 10.91 1.52
CA ASP A 39 1.38 11.76 1.67
C ASP A 39 1.50 12.73 0.49
N ALA A 40 1.29 12.22 -0.71
CA ALA A 40 1.38 13.04 -1.91
C ALA A 40 0.32 14.14 -1.90
N ALA A 41 -0.91 13.76 -1.58
CA ALA A 41 -2.02 14.71 -1.52
C ALA A 41 -1.73 15.83 -0.53
N LYS A 42 -1.26 15.46 0.65
CA LYS A 42 -0.94 16.43 1.70
C LYS A 42 0.25 17.29 1.29
N GLU A 43 1.18 16.70 0.56
CA GLU A 43 2.38 17.41 0.11
C GLU A 43 2.01 18.52 -0.87
N ILE A 44 1.15 18.18 -1.84
CA ILE A 44 0.71 19.14 -2.83
C ILE A 44 -0.18 20.21 -2.22
N ASP A 45 -1.10 19.78 -1.37
CA ASP A 45 -2.03 20.70 -0.71
C ASP A 45 -1.28 21.64 0.23
N SER A 46 -0.39 21.06 1.04
CA SER A 46 0.39 21.85 2.00
C SER A 46 1.36 22.78 1.28
N TYR A 47 1.95 22.28 0.19
CA TYR A 47 2.89 23.08 -0.59
C TYR A 47 2.17 24.20 -1.34
N LYS A 48 0.96 23.91 -1.80
CA LYS A 48 0.18 24.89 -2.54
C LYS A 48 -0.30 26.01 -1.61
N ILE A 49 -0.78 25.62 -0.43
CA ILE A 49 -1.27 26.59 0.54
C ILE A 49 -0.12 27.39 1.14
N GLN A 50 0.97 26.71 1.47
CA GLN A 50 2.14 27.37 2.05
C GLN A 50 2.77 28.33 1.05
N LYS A 51 2.92 27.89 -0.19
CA LYS A 51 3.51 28.70 -1.25
C LYS A 51 2.57 29.87 -1.61
N ASP A 52 1.30 29.57 -1.76
CA ASP A 52 0.31 30.58 -2.10
C ASP A 52 0.24 31.67 -1.02
N LYS A 53 0.24 31.24 0.23
CA LYS A 53 0.19 32.16 1.36
C LYS A 53 1.48 32.96 1.47
N GLU A 54 2.61 32.28 1.29
CA GLU A 54 3.91 32.92 1.37
C GLU A 54 4.03 34.04 0.34
N LEU A 55 3.60 33.75 -0.89
CA LEU A 55 3.66 34.72 -1.98
C LEU A 55 2.61 35.81 -1.79
N LYS A 56 1.43 35.41 -1.36
CA LYS A 56 0.33 36.36 -1.14
C LYS A 56 0.67 37.32 0.00
N GLU A 57 1.43 36.83 0.98
CA GLU A 57 1.83 37.65 2.12
C GLU A 57 0.60 38.16 2.86
N PHE A 58 0.84 38.89 3.95
CA PHE A 58 -0.25 39.44 4.75
C PHE A 58 -0.46 40.92 4.45
N GLU A 59 0.59 41.71 4.67
CA GLU A 59 0.52 43.15 4.41
C GLU A 59 0.03 43.43 2.99
N CYS A 60 0.38 42.56 2.07
CA CYS A 60 -0.02 42.71 0.68
C CYS A 60 0.40 44.08 0.14
N MET A 1 -3.07 -18.21 -7.72
CA MET A 1 -3.20 -19.39 -8.56
C MET A 1 -3.14 -19.02 -10.03
N VAL A 2 -2.18 -19.59 -10.75
CA VAL A 2 -2.00 -19.32 -12.16
C VAL A 2 -1.85 -20.61 -12.97
N SER A 3 -1.03 -21.52 -12.44
CA SER A 3 -0.79 -22.79 -13.11
C SER A 3 -0.89 -23.95 -12.12
N GLN A 4 -1.19 -25.14 -12.62
CA GLN A 4 -1.32 -26.32 -11.78
C GLN A 4 -0.03 -27.14 -11.80
N LYS A 5 0.36 -27.66 -10.64
CA LYS A 5 1.57 -28.46 -10.54
C LYS A 5 1.23 -29.89 -10.11
N ASN A 6 2.26 -30.71 -9.95
CA ASN A 6 2.08 -32.11 -9.55
C ASN A 6 2.67 -32.35 -8.17
N GLY A 7 1.85 -32.88 -7.26
CA GLY A 7 2.32 -33.14 -5.91
C GLY A 7 1.29 -33.91 -5.09
N ILE A 8 1.72 -34.43 -3.94
CA ILE A 8 0.84 -35.18 -3.07
C ILE A 8 0.51 -34.39 -1.80
N ALA A 9 1.50 -34.25 -0.93
CA ALA A 9 1.32 -33.51 0.31
C ALA A 9 2.22 -32.27 0.36
N THR A 10 3.34 -32.35 -0.35
CA THR A 10 4.28 -31.23 -0.39
C THR A 10 3.69 -30.04 -1.15
N LEU A 11 2.82 -30.33 -2.12
CA LEU A 11 2.20 -29.29 -2.92
C LEU A 11 1.40 -28.33 -2.03
N LEU A 12 0.83 -28.86 -0.95
CA LEU A 12 0.05 -28.06 -0.02
C LEU A 12 0.91 -26.98 0.61
N GLN A 13 2.19 -27.27 0.78
CA GLN A 13 3.13 -26.33 1.39
C GLN A 13 3.39 -25.15 0.45
N ALA A 14 3.62 -25.47 -0.83
CA ALA A 14 3.88 -24.43 -1.82
C ALA A 14 2.65 -23.58 -2.07
N GLU A 15 1.48 -24.22 -2.07
CA GLU A 15 0.23 -23.51 -2.30
C GLU A 15 -0.11 -22.60 -1.12
N LYS A 16 0.06 -23.13 0.09
CA LYS A 16 -0.24 -22.37 1.30
C LYS A 16 0.70 -21.18 1.43
N GLU A 17 2.00 -21.43 1.29
CA GLU A 17 3.00 -20.37 1.38
C GLU A 17 2.79 -19.33 0.29
N ALA A 18 2.60 -19.79 -0.93
CA ALA A 18 2.38 -18.90 -2.07
C ALA A 18 1.19 -17.98 -1.82
N HIS A 19 0.08 -18.57 -1.42
CA HIS A 19 -1.14 -17.80 -1.14
C HIS A 19 -0.92 -16.80 -0.02
N GLU A 20 -0.22 -17.24 1.02
CA GLU A 20 0.07 -16.37 2.16
C GLU A 20 0.85 -15.14 1.73
N ILE A 21 1.87 -15.34 0.91
CA ILE A 21 2.70 -14.24 0.42
C ILE A 21 1.89 -13.30 -0.46
N VAL A 22 1.12 -13.87 -1.38
CA VAL A 22 0.29 -13.09 -2.29
C VAL A 22 -0.66 -12.19 -1.52
N SER A 23 -1.29 -12.73 -0.49
CA SER A 23 -2.24 -11.97 0.33
C SER A 23 -1.50 -10.91 1.15
N LYS A 24 -0.40 -11.30 1.77
CA LYS A 24 0.39 -10.39 2.59
C LYS A 24 0.79 -9.16 1.78
N ALA A 25 1.20 -9.38 0.54
CA ALA A 25 1.60 -8.28 -0.34
C ALA A 25 0.45 -7.31 -0.58
N ARG A 26 -0.73 -7.85 -0.84
CA ARG A 26 -1.91 -7.04 -1.09
C ARG A 26 -2.24 -6.19 0.13
N LYS A 27 -2.24 -6.81 1.30
CA LYS A 27 -2.54 -6.11 2.54
C LYS A 27 -1.55 -4.97 2.78
N TYR A 28 -0.26 -5.28 2.68
CA TYR A 28 0.78 -4.28 2.89
C TYR A 28 0.69 -3.18 1.83
N ARG A 29 0.27 -3.56 0.63
CA ARG A 29 0.15 -2.61 -0.47
C ARG A 29 -0.96 -1.59 -0.19
N GLN A 30 -2.10 -2.09 0.28
CA GLN A 30 -3.24 -1.23 0.58
C GLN A 30 -2.94 -0.33 1.77
N ASP A 31 -2.35 -0.91 2.81
CA ASP A 31 -2.00 -0.16 4.01
C ASP A 31 -0.96 0.92 3.70
N LYS A 32 0.02 0.57 2.89
CA LYS A 32 1.07 1.50 2.52
C LYS A 32 0.52 2.64 1.67
N LEU A 33 -0.30 2.29 0.68
CA LEU A 33 -0.89 3.28 -0.20
C LEU A 33 -1.90 4.15 0.56
N LYS A 34 -2.61 3.53 1.51
CA LYS A 34 -3.60 4.25 2.31
C LYS A 34 -2.92 5.28 3.21
N GLN A 35 -1.92 4.84 3.95
CA GLN A 35 -1.19 5.73 4.86
C GLN A 35 -0.40 6.78 4.07
N ALA A 36 0.24 6.33 3.00
CA ALA A 36 1.03 7.24 2.16
C ALA A 36 0.14 8.24 1.44
N LYS A 37 -1.07 7.81 1.10
CA LYS A 37 -2.02 8.68 0.42
C LYS A 37 -2.19 10.00 1.15
N THR A 38 -2.39 9.93 2.47
CA THR A 38 -2.56 11.12 3.28
C THR A 38 -1.34 12.04 3.19
N ASP A 39 -0.15 11.44 3.26
CA ASP A 39 1.08 12.20 3.18
C ASP A 39 1.18 12.96 1.86
N ALA A 40 0.83 12.28 0.77
CA ALA A 40 0.88 12.90 -0.56
C ALA A 40 -0.10 14.06 -0.65
N ALA A 41 -1.33 13.84 -0.18
CA ALA A 41 -2.36 14.87 -0.20
C ALA A 41 -1.92 16.11 0.55
N LYS A 42 -1.35 15.91 1.75
CA LYS A 42 -0.88 17.01 2.57
C LYS A 42 0.32 17.69 1.93
N GLU A 43 1.15 16.91 1.25
CA GLU A 43 2.33 17.44 0.59
C GLU A 43 1.96 18.40 -0.53
N ILE A 44 0.99 18.00 -1.35
CA ILE A 44 0.53 18.82 -2.46
C ILE A 44 -0.23 20.05 -1.95
N ASP A 45 -1.12 19.83 -0.98
CA ASP A 45 -1.91 20.91 -0.42
C ASP A 45 -1.01 21.92 0.29
N SER A 46 -0.09 21.41 1.11
CA SER A 46 0.83 22.28 1.85
C SER A 46 1.76 23.01 0.91
N TYR A 47 2.22 22.31 -0.13
CA TYR A 47 3.14 22.89 -1.10
C TYR A 47 2.43 23.94 -1.95
N LYS A 48 1.16 23.70 -2.25
CA LYS A 48 0.37 24.63 -3.04
C LYS A 48 0.08 25.91 -2.26
N ILE A 49 -0.31 25.75 -1.00
CA ILE A 49 -0.61 26.90 -0.14
C ILE A 49 0.65 27.65 0.23
N GLN A 50 1.76 26.92 0.36
CA GLN A 50 3.04 27.53 0.72
C GLN A 50 3.59 28.34 -0.45
N LYS A 51 3.54 27.77 -1.65
CA LYS A 51 4.03 28.45 -2.84
C LYS A 51 3.14 29.64 -3.21
N ASP A 52 1.83 29.44 -3.08
CA ASP A 52 0.87 30.49 -3.40
C ASP A 52 0.98 31.64 -2.41
N LYS A 53 1.09 31.31 -1.12
CA LYS A 53 1.21 32.32 -0.08
C LYS A 53 2.57 33.01 -0.13
N GLU A 54 3.59 32.26 -0.52
CA GLU A 54 4.94 32.80 -0.62
C GLU A 54 5.05 33.78 -1.78
N LEU A 55 4.51 33.41 -2.93
CA LEU A 55 4.55 34.26 -4.11
C LEU A 55 3.57 35.42 -3.97
N LYS A 56 2.46 35.18 -3.28
CA LYS A 56 1.45 36.20 -3.07
C LYS A 56 2.05 37.44 -2.43
N GLU A 57 3.03 37.23 -1.56
CA GLU A 57 3.70 38.34 -0.87
C GLU A 57 5.14 38.49 -1.35
N PHE A 58 5.31 38.63 -2.67
CA PHE A 58 6.63 38.78 -3.25
C PHE A 58 6.59 39.70 -4.47
N GLU A 59 5.63 39.47 -5.35
CA GLU A 59 5.47 40.27 -6.55
C GLU A 59 4.01 40.63 -6.79
N CYS A 60 3.25 40.69 -5.70
CA CYS A 60 1.82 41.03 -5.79
C CYS A 60 1.43 41.99 -4.67
N MET A 1 -18.45 -24.60 -7.76
CA MET A 1 -19.17 -25.25 -6.66
C MET A 1 -18.46 -26.52 -6.22
N VAL A 2 -17.14 -26.54 -6.36
CA VAL A 2 -16.35 -27.70 -5.97
C VAL A 2 -15.52 -27.40 -4.72
N SER A 3 -15.99 -27.90 -3.58
CA SER A 3 -15.31 -27.68 -2.31
C SER A 3 -15.40 -28.93 -1.43
N GLN A 4 -15.07 -30.08 -2.02
CA GLN A 4 -15.11 -31.35 -1.29
C GLN A 4 -13.94 -31.44 -0.32
N LYS A 5 -13.83 -32.59 0.36
CA LYS A 5 -12.77 -32.81 1.32
C LYS A 5 -11.94 -34.04 0.94
N ASN A 6 -11.32 -33.99 -0.24
CA ASN A 6 -10.49 -35.09 -0.72
C ASN A 6 -9.04 -34.66 -0.86
N GLY A 7 -8.78 -33.80 -1.84
CA GLY A 7 -7.43 -33.31 -2.07
C GLY A 7 -7.20 -31.94 -1.49
N ILE A 8 -7.43 -31.79 -0.19
CA ILE A 8 -7.24 -30.50 0.47
C ILE A 8 -6.07 -30.55 1.45
N ALA A 9 -5.75 -31.76 1.92
CA ALA A 9 -4.65 -31.94 2.85
C ALA A 9 -3.36 -31.30 2.33
N THR A 10 -2.77 -31.94 1.32
CA THR A 10 -1.54 -31.44 0.72
C THR A 10 -1.75 -30.08 0.08
N LEU A 11 -2.88 -29.92 -0.59
CA LEU A 11 -3.21 -28.66 -1.26
C LEU A 11 -3.16 -27.50 -0.27
N LEU A 12 -3.47 -27.79 0.99
CA LEU A 12 -3.47 -26.77 2.03
C LEU A 12 -2.11 -26.06 2.10
N GLN A 13 -1.05 -26.79 1.75
CA GLN A 13 0.30 -26.24 1.76
C GLN A 13 0.48 -25.22 0.64
N ALA A 14 0.01 -25.57 -0.55
CA ALA A 14 0.11 -24.69 -1.70
C ALA A 14 -0.77 -23.46 -1.53
N GLU A 15 -1.98 -23.66 -1.04
CA GLU A 15 -2.91 -22.57 -0.84
C GLU A 15 -2.44 -21.65 0.28
N LYS A 16 -1.94 -22.24 1.36
CA LYS A 16 -1.46 -21.48 2.50
C LYS A 16 -0.24 -20.64 2.11
N GLU A 17 0.74 -21.27 1.47
CA GLU A 17 1.94 -20.58 1.05
C GLU A 17 1.61 -19.48 0.04
N ALA A 18 0.77 -19.80 -0.93
CA ALA A 18 0.37 -18.84 -1.95
C ALA A 18 -0.28 -17.61 -1.33
N HIS A 19 -1.23 -17.84 -0.43
CA HIS A 19 -1.93 -16.75 0.24
C HIS A 19 -0.98 -15.96 1.14
N GLU A 20 -0.01 -16.67 1.72
CA GLU A 20 0.97 -16.04 2.60
C GLU A 20 1.82 -15.04 1.83
N ILE A 21 2.34 -15.46 0.68
CA ILE A 21 3.17 -14.60 -0.15
C ILE A 21 2.36 -13.44 -0.73
N VAL A 22 1.18 -13.76 -1.25
CA VAL A 22 0.31 -12.75 -1.84
C VAL A 22 -0.14 -11.74 -0.79
N SER A 23 -0.51 -12.23 0.39
CA SER A 23 -0.97 -11.36 1.46
C SER A 23 0.17 -10.48 1.97
N LYS A 24 1.35 -11.07 2.11
CA LYS A 24 2.52 -10.34 2.58
C LYS A 24 2.93 -9.27 1.58
N ALA A 25 3.00 -9.64 0.30
CA ALA A 25 3.37 -8.71 -0.75
C ALA A 25 2.31 -7.63 -0.93
N ARG A 26 1.04 -8.05 -0.95
CA ARG A 26 -0.07 -7.11 -1.12
C ARG A 26 -0.16 -6.17 0.08
N LYS A 27 0.02 -6.71 1.28
CA LYS A 27 -0.05 -5.91 2.50
C LYS A 27 1.07 -4.86 2.52
N TYR A 28 2.29 -5.32 2.27
CA TYR A 28 3.45 -4.43 2.27
C TYR A 28 3.37 -3.42 1.11
N ARG A 29 2.95 -3.91 -0.04
CA ARG A 29 2.82 -3.06 -1.22
C ARG A 29 1.73 -2.00 -1.02
N GLN A 30 0.58 -2.43 -0.51
CA GLN A 30 -0.53 -1.53 -0.27
C GLN A 30 -0.21 -0.53 0.84
N ASP A 31 0.51 -1.01 1.85
CA ASP A 31 0.91 -0.16 2.97
C ASP A 31 1.88 0.92 2.52
N LYS A 32 2.85 0.53 1.69
CA LYS A 32 3.85 1.46 1.19
C LYS A 32 3.24 2.44 0.19
N LEU A 33 2.39 1.92 -0.69
CA LEU A 33 1.73 2.74 -1.69
C LEU A 33 0.74 3.70 -1.04
N LYS A 34 -0.03 3.19 -0.08
CA LYS A 34 -1.02 4.00 0.63
C LYS A 34 -0.34 5.07 1.46
N GLN A 35 0.62 4.66 2.28
CA GLN A 35 1.34 5.60 3.14
C GLN A 35 2.06 6.65 2.32
N ALA A 36 2.71 6.22 1.24
CA ALA A 36 3.43 7.13 0.37
C ALA A 36 2.47 8.06 -0.36
N LYS A 37 1.42 7.49 -0.93
CA LYS A 37 0.43 8.27 -1.66
C LYS A 37 -0.13 9.40 -0.80
N THR A 38 -0.50 9.07 0.43
CA THR A 38 -1.04 10.06 1.36
C THR A 38 -0.05 11.19 1.60
N ASP A 39 1.22 10.82 1.81
CA ASP A 39 2.27 11.80 2.05
C ASP A 39 2.40 12.76 0.87
N ALA A 40 2.39 12.21 -0.33
CA ALA A 40 2.50 13.02 -1.54
C ALA A 40 1.33 13.99 -1.67
N ALA A 41 0.12 13.49 -1.46
CA ALA A 41 -1.06 14.31 -1.54
C ALA A 41 -1.03 15.46 -0.53
N LYS A 42 -0.58 15.14 0.68
CA LYS A 42 -0.50 16.14 1.74
C LYS A 42 0.58 17.18 1.43
N GLU A 43 1.67 16.72 0.82
CA GLU A 43 2.77 17.61 0.46
C GLU A 43 2.33 18.61 -0.61
N ILE A 44 1.65 18.11 -1.63
CA ILE A 44 1.18 18.97 -2.72
C ILE A 44 0.10 19.93 -2.22
N ASP A 45 -0.84 19.42 -1.44
CA ASP A 45 -1.91 20.24 -0.90
C ASP A 45 -1.37 21.28 0.07
N SER A 46 -0.51 20.84 0.98
CA SER A 46 0.08 21.72 1.97
C SER A 46 0.91 22.82 1.31
N TYR A 47 1.66 22.43 0.27
CA TYR A 47 2.49 23.38 -0.45
C TYR A 47 1.65 24.35 -1.27
N LYS A 48 0.53 23.84 -1.80
CA LYS A 48 -0.37 24.66 -2.60
C LYS A 48 -1.04 25.75 -1.75
N ILE A 49 -1.49 25.36 -0.56
CA ILE A 49 -2.14 26.28 0.34
C ILE A 49 -1.13 27.27 0.93
N GLN A 50 0.02 26.76 1.35
CA GLN A 50 1.06 27.61 1.93
C GLN A 50 1.60 28.59 0.89
N LYS A 51 1.82 28.10 -0.32
CA LYS A 51 2.34 28.95 -1.40
C LYS A 51 1.29 29.98 -1.82
N ASP A 52 0.06 29.53 -1.97
CA ASP A 52 -1.03 30.42 -2.37
C ASP A 52 -1.28 31.48 -1.30
N LYS A 53 -1.24 31.06 -0.05
CA LYS A 53 -1.47 31.97 1.07
C LYS A 53 -0.32 32.97 1.21
N GLU A 54 0.90 32.46 1.09
CA GLU A 54 2.09 33.30 1.21
C GLU A 54 2.19 34.25 0.02
N LEU A 55 1.82 33.76 -1.15
CA LEU A 55 1.86 34.57 -2.36
C LEU A 55 0.78 35.64 -2.36
N LYS A 56 -0.41 35.27 -1.87
CA LYS A 56 -1.53 36.20 -1.81
C LYS A 56 -1.16 37.45 -1.02
N GLU A 57 -0.33 37.27 0.00
CA GLU A 57 0.10 38.38 0.84
C GLU A 57 -1.10 39.11 1.43
N PHE A 58 -2.05 38.36 1.97
CA PHE A 58 -3.25 38.93 2.56
C PHE A 58 -2.88 39.95 3.63
N GLU A 59 -1.72 39.77 4.23
CA GLU A 59 -1.25 40.68 5.28
C GLU A 59 -1.29 42.13 4.81
N CYS A 60 -1.07 42.32 3.51
CA CYS A 60 -1.07 43.66 2.93
C CYS A 60 0.04 44.51 3.53
N MET A 1 -14.46 -32.83 18.35
CA MET A 1 -14.46 -34.02 19.18
C MET A 1 -13.91 -35.22 18.41
N VAL A 2 -14.34 -35.38 17.16
CA VAL A 2 -13.88 -36.48 16.32
C VAL A 2 -13.37 -35.97 14.98
N SER A 3 -12.68 -34.84 15.01
CA SER A 3 -12.14 -34.24 13.79
C SER A 3 -10.94 -35.05 13.28
N GLN A 4 -11.10 -35.63 12.11
CA GLN A 4 -10.03 -36.43 11.50
C GLN A 4 -9.89 -36.12 10.02
N LYS A 5 -8.67 -36.23 9.51
CA LYS A 5 -8.39 -35.96 8.10
C LYS A 5 -7.33 -36.92 7.55
N ASN A 6 -7.18 -36.92 6.24
CA ASN A 6 -6.19 -37.80 5.60
C ASN A 6 -4.80 -37.17 5.66
N GLY A 7 -3.83 -37.82 5.00
CA GLY A 7 -2.48 -37.32 4.99
C GLY A 7 -2.21 -36.41 3.81
N ILE A 8 -2.97 -35.33 3.70
CA ILE A 8 -2.80 -34.38 2.60
C ILE A 8 -2.26 -33.05 3.11
N ALA A 9 -1.34 -33.11 4.06
CA ALA A 9 -0.73 -31.92 4.63
C ALA A 9 0.16 -31.23 3.60
N THR A 10 0.68 -31.99 2.65
CA THR A 10 1.56 -31.46 1.62
C THR A 10 0.86 -30.35 0.84
N LEU A 11 -0.41 -30.58 0.51
CA LEU A 11 -1.19 -29.60 -0.24
C LEU A 11 -1.45 -28.35 0.60
N LEU A 12 -1.82 -28.56 1.85
CA LEU A 12 -2.11 -27.45 2.76
C LEU A 12 -0.90 -26.52 2.88
N GLN A 13 0.29 -27.09 2.73
CA GLN A 13 1.52 -26.31 2.82
C GLN A 13 1.65 -25.37 1.62
N ALA A 14 1.37 -25.89 0.43
CA ALA A 14 1.45 -25.10 -0.79
C ALA A 14 0.39 -24.00 -0.81
N GLU A 15 -0.82 -24.35 -0.39
CA GLU A 15 -1.93 -23.40 -0.36
C GLU A 15 -1.66 -22.29 0.64
N LYS A 16 -1.20 -22.68 1.83
CA LYS A 16 -0.90 -21.71 2.89
C LYS A 16 0.20 -20.76 2.46
N GLU A 17 1.30 -21.33 1.97
CA GLU A 17 2.44 -20.53 1.53
C GLU A 17 2.03 -19.55 0.43
N ALA A 18 1.31 -20.07 -0.57
CA ALA A 18 0.85 -19.24 -1.68
C ALA A 18 0.01 -18.06 -1.18
N HIS A 19 -0.96 -18.37 -0.32
CA HIS A 19 -1.84 -17.34 0.23
C HIS A 19 -1.06 -16.38 1.13
N GLU A 20 0.02 -16.88 1.72
CA GLU A 20 0.85 -16.06 2.60
C GLU A 20 1.59 -15.00 1.80
N ILE A 21 2.22 -15.41 0.71
CA ILE A 21 2.96 -14.49 -0.14
C ILE A 21 2.03 -13.56 -0.90
N VAL A 22 0.87 -14.09 -1.30
CA VAL A 22 -0.11 -13.30 -2.03
C VAL A 22 -0.75 -12.24 -1.13
N SER A 23 -1.12 -12.65 0.08
CA SER A 23 -1.75 -11.74 1.03
C SER A 23 -0.75 -10.70 1.53
N LYS A 24 0.46 -11.16 1.84
CA LYS A 24 1.52 -10.27 2.33
C LYS A 24 1.93 -9.28 1.24
N ALA A 25 2.11 -9.78 0.03
CA ALA A 25 2.51 -8.93 -1.09
C ALA A 25 1.45 -7.87 -1.37
N ARG A 26 0.20 -8.27 -1.37
CA ARG A 26 -0.91 -7.36 -1.64
C ARG A 26 -1.03 -6.33 -0.51
N LYS A 27 -0.93 -6.80 0.72
CA LYS A 27 -1.02 -5.93 1.89
C LYS A 27 0.07 -4.87 1.88
N TYR A 28 1.28 -5.29 1.53
CA TYR A 28 2.43 -4.39 1.47
C TYR A 28 2.28 -3.39 0.34
N ARG A 29 1.86 -3.88 -0.83
CA ARG A 29 1.67 -3.04 -2.00
C ARG A 29 0.60 -1.98 -1.74
N GLN A 30 -0.53 -2.42 -1.19
CA GLN A 30 -1.63 -1.50 -0.89
C GLN A 30 -1.23 -0.51 0.20
N ASP A 31 -0.57 -1.00 1.23
CA ASP A 31 -0.13 -0.15 2.33
C ASP A 31 0.89 0.88 1.86
N LYS A 32 1.83 0.43 1.02
CA LYS A 32 2.86 1.31 0.50
C LYS A 32 2.27 2.38 -0.41
N LEU A 33 1.36 1.95 -1.30
CA LEU A 33 0.71 2.87 -2.23
C LEU A 33 -0.20 3.85 -1.48
N LYS A 34 -0.89 3.34 -0.47
CA LYS A 34 -1.78 4.17 0.33
C LYS A 34 -1.01 5.17 1.16
N GLN A 35 0.04 4.70 1.82
CA GLN A 35 0.87 5.56 2.66
C GLN A 35 1.54 6.65 1.83
N ALA A 36 2.08 6.25 0.66
CA ALA A 36 2.75 7.19 -0.22
C ALA A 36 1.75 8.20 -0.81
N LYS A 37 0.61 7.69 -1.27
CA LYS A 37 -0.41 8.54 -1.86
C LYS A 37 -0.77 9.69 -0.93
N THR A 38 -0.99 9.37 0.34
CA THR A 38 -1.34 10.37 1.34
C THR A 38 -0.25 11.43 1.46
N ASP A 39 1.00 10.97 1.50
CA ASP A 39 2.15 11.87 1.61
C ASP A 39 2.18 12.85 0.45
N ALA A 40 1.96 12.35 -0.76
CA ALA A 40 1.96 13.18 -1.96
C ALA A 40 0.84 14.21 -1.91
N ALA A 41 -0.35 13.76 -1.55
CA ALA A 41 -1.51 14.65 -1.46
C ALA A 41 -1.25 15.80 -0.48
N LYS A 42 -0.71 15.46 0.68
CA LYS A 42 -0.41 16.46 1.70
C LYS A 42 0.71 17.39 1.24
N GLU A 43 1.66 16.83 0.50
CA GLU A 43 2.80 17.59 0.01
C GLU A 43 2.33 18.68 -0.96
N ILE A 44 1.46 18.31 -1.89
CA ILE A 44 0.94 19.26 -2.86
C ILE A 44 0.01 20.27 -2.21
N ASP A 45 -0.88 19.79 -1.35
CA ASP A 45 -1.82 20.65 -0.65
C ASP A 45 -1.09 21.63 0.26
N SER A 46 -0.07 21.13 0.97
CA SER A 46 0.71 21.97 1.87
C SER A 46 1.51 23.00 1.11
N TYR A 47 2.17 22.56 0.04
CA TYR A 47 2.99 23.45 -0.78
C TYR A 47 2.12 24.52 -1.44
N LYS A 48 0.91 24.13 -1.85
CA LYS A 48 -0.01 25.06 -2.49
C LYS A 48 -0.52 26.09 -1.50
N ILE A 49 -0.88 25.63 -0.31
CA ILE A 49 -1.39 26.51 0.74
C ILE A 49 -0.28 27.41 1.28
N GLN A 50 0.93 26.86 1.35
CA GLN A 50 2.08 27.61 1.86
C GLN A 50 2.49 28.70 0.88
N LYS A 51 2.54 28.35 -0.40
CA LYS A 51 2.92 29.31 -1.44
C LYS A 51 1.85 30.36 -1.63
N ASP A 52 0.59 29.93 -1.59
CA ASP A 52 -0.54 30.85 -1.76
C ASP A 52 -0.63 31.81 -0.58
N LYS A 53 -0.47 31.28 0.63
CA LYS A 53 -0.53 32.09 1.83
C LYS A 53 0.63 33.08 1.90
N GLU A 54 1.82 32.59 1.55
CA GLU A 54 3.02 33.43 1.56
C GLU A 54 2.90 34.57 0.55
N LEU A 55 2.44 34.23 -0.65
CA LEU A 55 2.28 35.22 -1.72
C LEU A 55 1.11 36.15 -1.42
N LYS A 56 0.11 35.64 -0.70
CA LYS A 56 -1.06 36.43 -0.35
C LYS A 56 -0.66 37.70 0.39
N GLU A 57 0.45 37.62 1.11
CA GLU A 57 0.95 38.77 1.86
C GLU A 57 2.17 39.39 1.19
N PHE A 58 2.20 40.71 1.13
CA PHE A 58 3.32 41.43 0.51
C PHE A 58 4.05 42.30 1.53
N GLU A 59 3.31 43.23 2.14
CA GLU A 59 3.89 44.12 3.14
C GLU A 59 2.89 44.42 4.25
N CYS A 60 2.12 43.41 4.63
CA CYS A 60 1.12 43.56 5.68
C CYS A 60 1.40 42.63 6.85
N MET A 1 -10.49 -40.18 -12.14
CA MET A 1 -9.17 -40.64 -11.74
C MET A 1 -8.90 -40.35 -10.27
N VAL A 2 -9.01 -39.08 -9.89
CA VAL A 2 -8.79 -38.67 -8.52
C VAL A 2 -9.68 -39.46 -7.55
N SER A 3 -9.09 -40.46 -6.90
CA SER A 3 -9.82 -41.29 -5.96
C SER A 3 -8.94 -41.71 -4.79
N GLN A 4 -8.83 -40.84 -3.79
CA GLN A 4 -8.01 -41.13 -2.62
C GLN A 4 -8.69 -40.65 -1.35
N LYS A 5 -7.99 -40.78 -0.22
CA LYS A 5 -8.54 -40.35 1.06
C LYS A 5 -8.06 -38.94 1.41
N ASN A 6 -6.76 -38.79 1.58
CA ASN A 6 -6.17 -37.49 1.92
C ASN A 6 -6.45 -36.47 0.82
N GLY A 7 -6.86 -35.27 1.22
CA GLY A 7 -7.15 -34.23 0.26
C GLY A 7 -6.91 -32.84 0.81
N ILE A 8 -7.42 -32.59 2.02
CA ILE A 8 -7.26 -31.30 2.66
C ILE A 8 -6.12 -31.32 3.67
N ALA A 9 -4.99 -31.90 3.26
CA ALA A 9 -3.83 -32.00 4.13
C ALA A 9 -2.59 -31.42 3.45
N THR A 10 -2.11 -32.10 2.43
CA THR A 10 -0.94 -31.66 1.68
C THR A 10 -1.23 -30.39 0.89
N LEU A 11 -2.44 -30.29 0.35
CA LEU A 11 -2.84 -29.13 -0.42
C LEU A 11 -2.92 -27.89 0.46
N LEU A 12 -3.26 -28.09 1.73
CA LEU A 12 -3.37 -26.99 2.68
C LEU A 12 -2.06 -26.20 2.74
N GLN A 13 -0.95 -26.88 2.52
CA GLN A 13 0.37 -26.25 2.56
C GLN A 13 0.53 -25.29 1.38
N ALA A 14 0.13 -25.74 0.19
CA ALA A 14 0.24 -24.92 -1.01
C ALA A 14 -0.69 -23.72 -0.93
N GLU A 15 -1.91 -23.94 -0.46
CA GLU A 15 -2.90 -22.88 -0.34
C GLU A 15 -2.44 -21.83 0.68
N LYS A 16 -1.97 -22.30 1.83
CA LYS A 16 -1.52 -21.42 2.89
C LYS A 16 -0.32 -20.58 2.42
N GLU A 17 0.68 -21.26 1.85
CA GLU A 17 1.87 -20.57 1.37
C GLU A 17 1.50 -19.51 0.32
N ALA A 18 0.69 -19.91 -0.65
CA ALA A 18 0.26 -19.00 -1.70
C ALA A 18 -0.42 -17.76 -1.12
N HIS A 19 -1.37 -17.99 -0.22
CA HIS A 19 -2.09 -16.88 0.41
C HIS A 19 -1.16 -16.05 1.28
N GLU A 20 -0.11 -16.68 1.81
CA GLU A 20 0.85 -16.00 2.65
C GLU A 20 1.67 -14.99 1.84
N ILE A 21 2.19 -15.44 0.70
CA ILE A 21 2.98 -14.58 -0.18
C ILE A 21 2.11 -13.53 -0.84
N VAL A 22 0.89 -13.90 -1.19
CA VAL A 22 -0.04 -12.99 -1.83
C VAL A 22 -0.50 -11.90 -0.87
N SER A 23 -0.85 -12.30 0.35
CA SER A 23 -1.31 -11.35 1.36
C SER A 23 -0.16 -10.45 1.82
N LYS A 24 1.00 -11.05 2.05
CA LYS A 24 2.18 -10.31 2.49
C LYS A 24 2.63 -9.33 1.41
N ALA A 25 2.72 -9.81 0.18
CA ALA A 25 3.14 -8.97 -0.94
C ALA A 25 2.15 -7.84 -1.18
N ARG A 26 0.87 -8.17 -1.17
CA ARG A 26 -0.19 -7.19 -1.39
C ARG A 26 -0.24 -6.18 -0.24
N LYS A 27 -0.03 -6.68 0.97
CA LYS A 27 -0.06 -5.82 2.16
C LYS A 27 1.09 -4.82 2.12
N TYR A 28 2.28 -5.30 1.80
CA TYR A 28 3.46 -4.44 1.73
C TYR A 28 3.36 -3.47 0.56
N ARG A 29 2.94 -3.98 -0.59
CA ARG A 29 2.80 -3.15 -1.79
C ARG A 29 1.72 -2.09 -1.60
N GLN A 30 0.57 -2.49 -1.06
CA GLN A 30 -0.53 -1.58 -0.83
C GLN A 30 -0.16 -0.55 0.24
N ASP A 31 0.48 -1.01 1.31
CA ASP A 31 0.89 -0.14 2.40
C ASP A 31 1.91 0.89 1.93
N LYS A 32 2.87 0.44 1.12
CA LYS A 32 3.91 1.32 0.59
C LYS A 32 3.30 2.36 -0.35
N LEU A 33 2.45 1.91 -1.26
CA LEU A 33 1.81 2.79 -2.22
C LEU A 33 0.89 3.79 -1.52
N LYS A 34 0.14 3.29 -0.53
CA LYS A 34 -0.78 4.13 0.23
C LYS A 34 -0.02 5.19 1.02
N GLN A 35 1.03 4.76 1.71
CA GLN A 35 1.84 5.68 2.50
C GLN A 35 2.47 6.76 1.63
N ALA A 36 3.02 6.33 0.49
CA ALA A 36 3.65 7.26 -0.44
C ALA A 36 2.62 8.19 -1.07
N LYS A 37 1.53 7.62 -1.54
CA LYS A 37 0.46 8.40 -2.17
C LYS A 37 -0.03 9.49 -1.23
N THR A 38 -0.31 9.12 0.02
CA THR A 38 -0.78 10.08 1.02
C THR A 38 0.22 11.20 1.22
N ASP A 39 1.49 10.85 1.33
CA ASP A 39 2.55 11.83 1.52
C ASP A 39 2.59 12.83 0.38
N ALA A 40 2.49 12.32 -0.85
CA ALA A 40 2.51 13.17 -2.03
C ALA A 40 1.32 14.13 -2.05
N ALA A 41 0.14 13.59 -1.77
CA ALA A 41 -1.08 14.40 -1.74
C ALA A 41 -0.97 15.52 -0.72
N LYS A 42 -0.46 15.19 0.47
CA LYS A 42 -0.31 16.17 1.53
C LYS A 42 0.75 17.21 1.17
N GLU A 43 1.79 16.77 0.48
CA GLU A 43 2.88 17.65 0.07
C GLU A 43 2.38 18.69 -0.92
N ILE A 44 1.61 18.25 -1.91
CA ILE A 44 1.06 19.14 -2.92
C ILE A 44 0.03 20.08 -2.32
N ASP A 45 -0.86 19.53 -1.51
CA ASP A 45 -1.91 20.32 -0.87
C ASP A 45 -1.30 21.33 0.09
N SER A 46 -0.37 20.88 0.92
CA SER A 46 0.27 21.75 1.90
C SER A 46 1.09 22.83 1.20
N TYR A 47 1.76 22.46 0.11
CA TYR A 47 2.57 23.40 -0.65
C TYR A 47 1.71 24.43 -1.35
N LYS A 48 0.54 23.99 -1.82
CA LYS A 48 -0.39 24.88 -2.52
C LYS A 48 -1.00 25.89 -1.56
N ILE A 49 -1.42 25.42 -0.39
CA ILE A 49 -2.01 26.29 0.61
C ILE A 49 -0.97 27.20 1.24
N GLN A 50 0.26 26.70 1.35
CA GLN A 50 1.35 27.48 1.94
C GLN A 50 1.77 28.60 1.00
N LYS A 51 1.92 28.27 -0.28
CA LYS A 51 2.33 29.26 -1.28
C LYS A 51 1.22 30.28 -1.52
N ASP A 52 -0.02 29.80 -1.59
CA ASP A 52 -1.16 30.67 -1.81
C ASP A 52 -1.38 31.60 -0.62
N LYS A 53 -1.27 31.05 0.58
CA LYS A 53 -1.46 31.82 1.80
C LYS A 53 -0.32 32.83 1.98
N GLU A 54 0.89 32.40 1.66
CA GLU A 54 2.07 33.27 1.78
C GLU A 54 1.99 34.42 0.79
N LEU A 55 1.58 34.12 -0.43
CA LEU A 55 1.48 35.14 -1.48
C LEU A 55 0.27 36.04 -1.23
N LYS A 56 -0.83 35.45 -0.77
CA LYS A 56 -2.04 36.20 -0.48
C LYS A 56 -1.80 37.26 0.59
N GLU A 57 -1.05 36.88 1.63
CA GLU A 57 -0.75 37.80 2.72
C GLU A 57 -2.02 38.36 3.34
N PHE A 58 -2.86 37.47 3.85
CA PHE A 58 -4.12 37.87 4.46
C PHE A 58 -4.33 37.14 5.79
N GLU A 59 -3.24 36.86 6.49
CA GLU A 59 -3.30 36.16 7.77
C GLU A 59 -2.98 37.12 8.91
N CYS A 60 -2.14 38.10 8.64
CA CYS A 60 -1.75 39.08 9.65
C CYS A 60 -2.95 39.93 10.07
#